data_5SBS
#
_entry.id   5SBS
#
_cell.length_a   30.999
_cell.length_b   81.972
_cell.length_c   32.279
_cell.angle_alpha   90.000
_cell.angle_beta   117.860
_cell.angle_gamma   90.000
#
_symmetry.space_group_name_H-M   'P 1 21 1'
#
loop_
_entity.id
_entity.type
_entity.pdbx_description
1 polymer 'CD44 antigen'
2 non-polymer N-cyclopropyl-5-methyl-N-(propan-2-yl)-1,2-oxazole-3-carboxamide
3 non-polymer 'DIMETHYL SULFOXIDE'
4 non-polymer 1,2-ETHANEDIOL
5 water water
#
_entity_poly.entity_id   1
_entity_poly.type   'polypeptide(L)'
_entity_poly.pdbx_seq_one_letter_code
;MNQIDLNVTCRYAGVFHVEKNGRYSISRTEAADLCQAFNSTLPTMDQMKLALSKGFETCRYGFIEGNVVIPRIHPNAICA
ANHTGVYILVTSNTSHYDTYCFNASAPPEEDCTSVTDLPNSFDGPVTITIVNRDGTRYSKKGEYRTHQEDID
;
_entity_poly.pdbx_strand_id   A
#
loop_
_chem_comp.id
_chem_comp.type
_chem_comp.name
_chem_comp.formula
8AK non-polymer N-cyclopropyl-5-methyl-N-(propan-2-yl)-1,2-oxazole-3-carboxamide 'C11 H16 N2 O2'
DMS non-polymer 'DIMETHYL SULFOXIDE' 'C2 H6 O S'
EDO non-polymer 1,2-ETHANEDIOL 'C2 H6 O2'
#
# COMPACT_ATOMS: atom_id res chain seq x y z
N ASN A 2 4.66 16.04 14.09
CA ASN A 2 3.73 14.90 14.05
C ASN A 2 3.42 14.64 12.58
N GLN A 3 4.22 13.76 11.96
CA GLN A 3 4.18 13.57 10.52
C GLN A 3 4.29 12.10 10.15
N ILE A 4 3.60 11.73 9.07
CA ILE A 4 3.65 10.39 8.46
C ILE A 4 3.83 10.58 6.98
N ASP A 5 4.81 9.87 6.39
N ASP A 5 4.77 9.84 6.40
CA ASP A 5 5.06 9.82 4.96
CA ASP A 5 4.99 9.85 4.96
C ASP A 5 4.44 8.52 4.45
C ASP A 5 4.50 8.53 4.39
N LEU A 6 3.70 8.60 3.33
CA LEU A 6 3.10 7.43 2.72
C LEU A 6 3.55 7.40 1.28
N ASN A 7 4.53 6.53 0.96
CA ASN A 7 5.01 6.41 -0.42
C ASN A 7 4.05 5.49 -1.18
N VAL A 8 3.53 5.96 -2.30
CA VAL A 8 2.55 5.21 -3.07
C VAL A 8 3.05 4.94 -4.49
N THR A 9 2.46 3.96 -5.16
CA THR A 9 2.81 3.58 -6.51
C THR A 9 1.69 3.93 -7.49
N CYS A 10 1.98 3.63 -8.79
CA CYS A 10 0.98 3.44 -9.83
C CYS A 10 -0.11 2.47 -9.28
N ARG A 11 -1.30 2.60 -9.84
CA ARG A 11 -2.38 1.65 -9.61
C ARG A 11 -2.45 0.75 -10.83
N TYR A 12 -2.69 -0.54 -10.56
CA TYR A 12 -2.88 -1.54 -11.62
C TYR A 12 -4.19 -2.23 -11.35
N ALA A 13 -5.21 -2.03 -12.21
CA ALA A 13 -6.55 -2.59 -11.92
C ALA A 13 -7.03 -2.22 -10.49
N GLY A 14 -6.66 -0.99 -10.08
CA GLY A 14 -7.07 -0.41 -8.82
C GLY A 14 -6.15 -0.77 -7.64
N VAL A 15 -5.18 -1.65 -7.84
CA VAL A 15 -4.30 -2.07 -6.75
C VAL A 15 -3.01 -1.25 -6.71
N PHE A 16 -2.61 -0.85 -5.51
CA PHE A 16 -1.39 -0.07 -5.32
C PHE A 16 -0.74 -0.42 -4.02
N HIS A 17 0.55 -0.07 -3.92
CA HIS A 17 1.39 -0.33 -2.75
C HIS A 17 1.60 0.96 -1.95
N VAL A 18 1.62 0.80 -0.63
CA VAL A 18 1.82 1.91 0.30
C VAL A 18 2.87 1.52 1.30
N GLU A 19 3.95 2.31 1.38
CA GLU A 19 5.02 2.12 2.34
C GLU A 19 5.01 3.31 3.29
N LYS A 20 4.94 3.03 4.59
CA LYS A 20 4.89 4.08 5.59
CA LYS A 20 4.90 4.09 5.58
C LYS A 20 6.26 4.39 6.18
N ASN A 21 6.66 5.66 6.11
CA ASN A 21 7.90 6.17 6.71
C ASN A 21 9.16 5.44 6.28
N GLY A 22 9.17 4.95 5.07
CA GLY A 22 10.35 4.34 4.48
C GLY A 22 10.84 3.08 5.17
N ARG A 23 9.95 2.36 5.89
CA ARG A 23 10.33 1.14 6.55
CA ARG A 23 10.34 1.13 6.56
C ARG A 23 9.10 0.27 6.75
N TYR A 24 9.29 -1.05 6.97
CA TYR A 24 8.16 -1.96 7.26
C TYR A 24 7.62 -1.54 8.62
N SER A 25 6.43 -0.99 8.66
CA SER A 25 5.95 -0.37 9.89
C SER A 25 4.46 -0.36 10.06
N ILE A 26 3.75 -1.15 9.24
CA ILE A 26 2.29 -1.19 9.29
C ILE A 26 1.79 -2.52 9.87
N SER A 27 0.88 -2.47 10.82
CA SER A 27 0.22 -3.69 11.33
C SER A 27 -0.98 -4.01 10.43
N ARG A 28 -1.55 -5.23 10.56
CA ARG A 28 -2.72 -5.57 9.73
C ARG A 28 -3.91 -4.63 10.04
N THR A 29 -4.14 -4.29 11.31
CA THR A 29 -5.23 -3.37 11.67
C THR A 29 -5.00 -2.01 11.08
N GLU A 30 -3.76 -1.51 11.17
CA GLU A 30 -3.43 -0.19 10.59
CA GLU A 30 -3.45 -0.21 10.60
C GLU A 30 -3.61 -0.21 9.08
N ALA A 31 -3.22 -1.32 8.41
CA ALA A 31 -3.34 -1.44 6.98
C ALA A 31 -4.77 -1.26 6.51
N ALA A 32 -5.73 -1.93 7.16
CA ALA A 32 -7.14 -1.78 6.78
C ALA A 32 -7.59 -0.33 6.93
N ASP A 33 -7.16 0.32 8.02
CA ASP A 33 -7.53 1.72 8.25
C ASP A 33 -6.89 2.63 7.23
N LEU A 34 -5.63 2.35 6.87
CA LEU A 34 -4.92 3.17 5.89
CA LEU A 34 -4.91 3.16 5.88
C LEU A 34 -5.60 3.06 4.53
N CYS A 35 -5.96 1.83 4.11
CA CYS A 35 -6.64 1.70 2.82
C CYS A 35 -7.99 2.39 2.86
N GLN A 36 -8.68 2.34 4.00
CA GLN A 36 -9.99 3.02 4.12
C GLN A 36 -9.85 4.52 3.92
N ALA A 37 -8.73 5.13 4.34
CA ALA A 37 -8.51 6.56 4.11
C ALA A 37 -8.36 6.90 2.61
N PHE A 38 -7.94 5.92 1.79
CA PHE A 38 -7.89 6.09 0.34
C PHE A 38 -9.18 5.57 -0.32
N ASN A 39 -10.31 5.44 0.44
CA ASN A 39 -11.55 4.85 -0.08
C ASN A 39 -11.26 3.50 -0.73
N SER A 40 -10.42 2.71 -0.08
CA SER A 40 -9.90 1.46 -0.62
C SER A 40 -9.98 0.39 0.44
N THR A 41 -9.76 -0.84 0.01
CA THR A 41 -9.77 -1.98 0.89
C THR A 41 -8.51 -2.78 0.66
N LEU A 42 -8.20 -3.72 1.57
CA LEU A 42 -7.08 -4.63 1.29
CA LEU A 42 -7.09 -4.67 1.34
C LEU A 42 -7.49 -5.49 0.11
N PRO A 43 -6.62 -5.66 -0.90
CA PRO A 43 -7.02 -6.45 -2.07
C PRO A 43 -7.27 -7.88 -1.72
N THR A 44 -8.20 -8.50 -2.46
CA THR A 44 -8.32 -9.97 -2.42
C THR A 44 -7.19 -10.57 -3.24
N MET A 45 -6.91 -11.85 -3.03
CA MET A 45 -5.90 -12.53 -3.85
C MET A 45 -6.25 -12.44 -5.35
N ASP A 46 -7.54 -12.58 -5.71
CA ASP A 46 -7.93 -12.46 -7.10
C ASP A 46 -7.65 -11.05 -7.65
N GLN A 47 -8.01 -10.02 -6.88
CA GLN A 47 -7.71 -8.64 -7.32
C GLN A 47 -6.20 -8.44 -7.51
N MET A 48 -5.40 -8.97 -6.60
CA MET A 48 -3.96 -8.84 -6.72
C MET A 48 -3.42 -9.59 -7.94
N LYS A 49 -3.93 -10.78 -8.23
CA LYS A 49 -3.49 -11.53 -9.41
C LYS A 49 -3.84 -10.78 -10.68
N LEU A 50 -5.05 -10.14 -10.73
CA LEU A 50 -5.36 -9.39 -11.94
C LEU A 50 -4.41 -8.18 -12.08
N ALA A 51 -4.13 -7.50 -10.96
CA ALA A 51 -3.19 -6.35 -11.00
C ALA A 51 -1.81 -6.80 -11.52
N LEU A 52 -1.30 -7.94 -11.02
CA LEU A 52 -0.05 -8.51 -11.50
CA LEU A 52 -0.04 -8.46 -11.51
C LEU A 52 -0.08 -8.69 -13.04
N SER A 53 -1.18 -9.24 -13.54
CA SER A 53 -1.29 -9.49 -14.97
C SER A 53 -1.23 -8.21 -15.80
N LYS A 54 -1.65 -7.08 -15.24
CA LYS A 54 -1.62 -5.79 -15.92
C LYS A 54 -0.23 -5.08 -15.82
N GLY A 55 0.71 -5.64 -15.07
CA GLY A 55 2.03 -5.02 -14.96
C GLY A 55 2.52 -4.69 -13.57
N PHE A 56 1.77 -5.02 -12.51
CA PHE A 56 2.19 -4.68 -11.15
C PHE A 56 3.21 -5.63 -10.56
N GLU A 57 4.33 -5.06 -10.10
CA GLU A 57 5.28 -5.80 -9.28
C GLU A 57 5.94 -4.86 -8.32
N THR A 58 6.32 -5.39 -7.16
CA THR A 58 7.12 -4.63 -6.16
C THR A 58 8.25 -5.57 -5.64
N CYS A 59 9.08 -5.03 -4.77
CA CYS A 59 10.06 -5.83 -4.07
C CYS A 59 9.87 -5.67 -2.55
N ARG A 60 8.61 -5.55 -2.10
CA ARG A 60 8.30 -5.32 -0.71
C ARG A 60 7.12 -6.18 -0.26
N TYR A 61 7.25 -6.75 0.94
CA TYR A 61 6.12 -7.46 1.54
C TYR A 61 5.02 -6.51 1.95
N GLY A 62 3.78 -6.88 1.65
CA GLY A 62 2.66 -6.08 2.09
C GLY A 62 1.40 -6.90 2.28
N PHE A 63 0.50 -6.39 3.15
CA PHE A 63 -0.74 -7.12 3.38
C PHE A 63 -1.66 -7.05 2.16
N ILE A 64 -2.36 -8.18 1.98
CA ILE A 64 -3.59 -8.26 1.22
C ILE A 64 -4.60 -8.91 2.20
N GLU A 65 -5.83 -9.13 1.77
CA GLU A 65 -6.76 -9.89 2.60
C GLU A 65 -6.24 -11.33 2.76
N GLY A 66 -5.96 -11.72 4.00
CA GLY A 66 -5.58 -13.07 4.35
C GLY A 66 -4.13 -13.43 4.33
N ASN A 67 -3.28 -12.67 3.64
CA ASN A 67 -1.87 -13.02 3.56
C ASN A 67 -0.99 -11.76 3.45
N VAL A 68 0.31 -11.96 3.49
CA VAL A 68 1.33 -10.96 3.22
C VAL A 68 2.05 -11.48 1.97
N VAL A 69 2.18 -10.58 0.96
CA VAL A 69 2.66 -11.02 -0.32
C VAL A 69 3.58 -9.99 -0.99
N ILE A 70 4.25 -10.49 -2.05
CA ILE A 70 5.01 -9.68 -2.99
C ILE A 70 4.56 -10.10 -4.39
N PRO A 71 3.97 -9.17 -5.19
CA PRO A 71 3.66 -9.51 -6.60
C PRO A 71 4.95 -9.38 -7.40
N ARG A 72 5.27 -10.42 -8.18
CA ARG A 72 6.49 -10.45 -8.99
C ARG A 72 6.23 -10.80 -10.44
N ILE A 73 6.78 -10.03 -11.35
CA ILE A 73 6.73 -10.35 -12.77
C ILE A 73 8.07 -10.94 -13.17
N HIS A 74 9.16 -10.20 -12.92
CA HIS A 74 10.49 -10.63 -13.34
C HIS A 74 11.24 -11.28 -12.21
N PRO A 75 11.88 -12.43 -12.46
CA PRO A 75 12.65 -13.07 -11.38
C PRO A 75 13.84 -12.21 -10.97
N ASN A 76 13.97 -11.98 -9.67
CA ASN A 76 15.10 -11.22 -9.14
C ASN A 76 15.46 -11.94 -7.84
N ALA A 77 16.74 -12.30 -7.68
CA ALA A 77 17.21 -13.09 -6.55
C ALA A 77 16.95 -12.46 -5.19
N ILE A 78 16.90 -11.12 -5.13
CA ILE A 78 16.67 -10.42 -3.86
C ILE A 78 15.21 -9.97 -3.66
N CYS A 79 14.28 -10.42 -4.53
CA CYS A 79 12.87 -10.09 -4.40
C CYS A 79 12.11 -11.38 -4.42
N ALA A 80 11.55 -11.77 -3.28
CA ALA A 80 10.73 -12.98 -3.15
C ALA A 80 11.48 -14.23 -3.59
N ALA A 81 12.77 -14.35 -3.20
CA ALA A 81 13.59 -15.51 -3.52
C ALA A 81 13.53 -15.97 -4.99
N ASN A 82 13.55 -15.01 -5.93
CA ASN A 82 13.54 -15.25 -7.38
C ASN A 82 12.23 -15.79 -7.97
N HIS A 83 11.15 -15.77 -7.19
CA HIS A 83 9.88 -16.28 -7.65
C HIS A 83 9.15 -15.28 -8.51
N THR A 84 8.23 -15.79 -9.33
CA THR A 84 7.31 -14.93 -10.07
C THR A 84 5.88 -15.24 -9.59
N GLY A 85 4.93 -14.40 -10.00
CA GLY A 85 3.56 -14.49 -9.56
C GLY A 85 3.39 -13.82 -8.21
N VAL A 86 2.24 -14.02 -7.58
CA VAL A 86 1.99 -13.46 -6.27
C VAL A 86 2.71 -14.39 -5.28
N TYR A 87 3.83 -13.93 -4.73
CA TYR A 87 4.60 -14.72 -3.78
C TYR A 87 3.99 -14.49 -2.42
N ILE A 88 3.74 -15.60 -1.72
CA ILE A 88 3.14 -15.55 -0.41
C ILE A 88 4.17 -15.80 0.67
N LEU A 89 4.27 -14.87 1.62
CA LEU A 89 5.13 -15.05 2.79
C LEU A 89 4.59 -16.18 3.65
N VAL A 90 5.44 -17.17 3.97
CA VAL A 90 5.03 -18.34 4.72
C VAL A 90 5.50 -18.23 6.15
N THR A 91 6.80 -17.96 6.35
CA THR A 91 7.38 -18.01 7.68
C THR A 91 8.06 -16.73 8.05
N SER A 92 7.57 -16.09 9.11
CA SER A 92 8.23 -14.88 9.64
C SER A 92 7.97 -14.78 11.15
N ASN A 93 8.93 -14.25 11.88
CA ASN A 93 8.71 -14.02 13.31
C ASN A 93 7.80 -12.83 13.57
N THR A 94 7.77 -11.85 12.65
CA THR A 94 7.34 -10.46 12.87
C THR A 94 6.05 -10.10 12.18
N SER A 95 5.43 -9.01 12.64
CA SER A 95 4.06 -8.67 12.25
CA SER A 95 4.07 -8.69 12.23
C SER A 95 3.88 -7.44 11.39
N HIS A 96 4.93 -6.63 11.18
CA HIS A 96 4.78 -5.35 10.51
C HIS A 96 5.37 -5.31 9.12
N TYR A 97 4.55 -4.85 8.17
CA TYR A 97 4.94 -4.88 6.76
C TYR A 97 4.53 -3.57 6.11
N ASP A 98 4.53 -3.50 4.76
CA ASP A 98 3.89 -2.42 4.04
C ASP A 98 2.43 -2.90 3.80
N THR A 99 1.64 -2.17 2.99
CA THR A 99 0.32 -2.70 2.64
C THR A 99 0.08 -2.52 1.15
N TYR A 100 -0.83 -3.33 0.63
CA TYR A 100 -1.43 -3.04 -0.65
C TYR A 100 -2.88 -2.57 -0.35
N CYS A 101 -3.41 -1.82 -1.29
CA CYS A 101 -4.78 -1.28 -1.22
C CYS A 101 -5.43 -1.45 -2.60
N PHE A 102 -6.78 -1.50 -2.61
CA PHE A 102 -7.57 -1.67 -3.82
C PHE A 102 -8.66 -0.64 -3.86
N ASN A 103 -8.66 0.19 -4.91
CA ASN A 103 -9.68 1.21 -5.15
C ASN A 103 -10.48 0.84 -6.37
N ALA A 104 -11.75 0.52 -6.17
CA ALA A 104 -12.62 0.07 -7.23
C ALA A 104 -12.93 1.07 -8.29
N SER A 105 -12.73 2.36 -8.02
CA SER A 105 -13.05 3.42 -8.97
CA SER A 105 -13.06 3.38 -9.02
C SER A 105 -11.86 3.84 -9.83
N ALA A 106 -10.69 3.24 -9.60
CA ALA A 106 -9.49 3.53 -10.34
C ALA A 106 -9.65 2.95 -11.77
N PRO A 107 -8.74 3.32 -12.71
CA PRO A 107 -8.83 2.79 -14.08
C PRO A 107 -8.56 1.28 -14.12
N PRO A 108 -9.05 0.62 -15.18
CA PRO A 108 -8.98 -0.85 -15.18
C PRO A 108 -7.61 -1.43 -15.41
N GLU A 109 -6.68 -0.65 -16.03
CA GLU A 109 -5.39 -1.27 -16.32
C GLU A 109 -4.28 -0.48 -15.61
N GLU A 110 -3.17 -0.13 -16.25
CA GLU A 110 -2.11 0.62 -15.59
C GLU A 110 -2.48 2.07 -15.49
N ASP A 111 -2.42 2.62 -14.28
CA ASP A 111 -2.63 4.04 -14.03
C ASP A 111 -1.40 4.57 -13.32
N CYS A 112 -0.47 5.17 -14.08
CA CYS A 112 0.74 5.72 -13.51
C CYS A 112 0.69 7.23 -13.40
N THR A 113 -0.52 7.76 -13.26
CA THR A 113 -0.65 9.16 -12.84
C THR A 113 -0.33 9.18 -11.32
N SER A 114 -0.03 10.35 -10.80
CA SER A 114 0.22 10.53 -9.37
C SER A 114 -1.06 10.59 -8.54
N VAL A 115 -0.91 10.27 -7.25
CA VAL A 115 -1.98 10.35 -6.26
C VAL A 115 -1.99 11.78 -5.72
N THR A 116 -3.17 12.41 -5.72
CA THR A 116 -3.32 13.82 -5.36
C THR A 116 -4.36 14.06 -4.27
N ASP A 117 -4.78 13.01 -3.54
CA ASP A 117 -5.77 13.16 -2.49
C ASP A 117 -5.70 11.97 -1.55
N LEU A 118 -6.16 12.23 -0.32
CA LEU A 118 -6.33 11.20 0.73
C LEU A 118 -7.79 11.47 1.14
N PRO A 119 -8.76 10.91 0.39
CA PRO A 119 -10.13 11.42 0.46
C PRO A 119 -10.93 11.12 1.69
N ASN A 120 -10.55 10.09 2.41
CA ASN A 120 -11.36 9.61 3.53
C ASN A 120 -10.63 9.55 4.84
N SER A 121 -9.57 10.37 5.00
CA SER A 121 -8.96 10.51 6.32
C SER A 121 -9.95 11.32 7.20
N PHE A 122 -9.75 11.26 8.50
CA PHE A 122 -10.64 11.97 9.41
C PHE A 122 -9.87 13.04 10.16
N ASP A 123 -10.59 13.83 10.97
CA ASP A 123 -9.93 14.94 11.69
C ASP A 123 -8.87 14.39 12.63
N GLY A 124 -7.74 15.08 12.69
CA GLY A 124 -6.67 14.68 13.59
C GLY A 124 -5.50 15.60 13.48
N PRO A 125 -4.46 15.31 14.26
CA PRO A 125 -3.33 16.25 14.37
C PRO A 125 -2.12 15.97 13.50
N VAL A 126 -2.12 14.88 12.73
CA VAL A 126 -0.95 14.45 11.97
C VAL A 126 -0.86 15.09 10.61
N THR A 127 0.35 15.54 10.22
CA THR A 127 0.54 15.98 8.83
C THR A 127 0.88 14.72 8.03
N ILE A 128 -0.05 14.28 7.20
CA ILE A 128 0.13 13.07 6.41
C ILE A 128 0.54 13.52 5.03
N THR A 129 1.67 13.01 4.55
CA THR A 129 2.17 13.39 3.23
C THR A 129 2.23 12.18 2.30
N ILE A 130 1.50 12.24 1.21
CA ILE A 130 1.54 11.23 0.17
CA ILE A 130 1.54 11.25 0.18
C ILE A 130 2.73 11.61 -0.71
N VAL A 131 3.62 10.66 -0.92
CA VAL A 131 4.82 10.82 -1.73
C VAL A 131 4.71 9.93 -2.92
N ASN A 132 4.67 10.51 -4.12
CA ASN A 132 4.63 9.73 -5.34
C ASN A 132 6.03 9.34 -5.74
N ARG A 133 6.15 8.37 -6.63
CA ARG A 133 7.43 7.91 -7.10
CA ARG A 133 7.46 7.92 -7.09
C ARG A 133 8.19 9.00 -7.85
N ASP A 134 7.44 9.91 -8.54
CA ASP A 134 8.05 11.05 -9.23
C ASP A 134 8.35 12.22 -8.28
N GLY A 135 8.20 12.00 -6.97
CA GLY A 135 8.56 13.00 -5.98
C GLY A 135 7.47 13.99 -5.64
N THR A 136 6.41 14.06 -6.49
CA THR A 136 5.33 15.01 -6.21
C THR A 136 4.61 14.59 -4.94
N ARG A 137 4.18 15.58 -4.14
CA ARG A 137 3.58 15.32 -2.84
CA ARG A 137 3.61 15.34 -2.83
C ARG A 137 2.25 16.01 -2.63
N TYR A 138 1.40 15.37 -1.80
CA TYR A 138 0.12 15.92 -1.39
C TYR A 138 0.12 15.79 0.13
N SER A 139 -0.15 16.86 0.85
CA SER A 139 -0.16 16.79 2.32
C SER A 139 -1.46 17.28 2.88
N LYS A 140 -1.89 16.66 3.96
CA LYS A 140 -3.10 17.10 4.64
CA LYS A 140 -3.16 16.96 4.60
C LYS A 140 -3.02 16.73 6.10
N LYS A 141 -3.64 17.58 6.95
CA LYS A 141 -3.65 17.34 8.39
C LYS A 141 -4.83 16.41 8.69
N GLY A 142 -4.59 15.35 9.44
CA GLY A 142 -5.67 14.43 9.76
C GLY A 142 -5.20 13.24 10.58
N GLU A 143 -5.97 12.15 10.45
CA GLU A 143 -5.63 10.88 11.08
C GLU A 143 -6.37 9.81 10.29
N TYR A 144 -5.86 8.59 10.32
CA TYR A 144 -6.52 7.44 9.71
C TYR A 144 -6.56 6.23 10.65
N ARG A 145 -5.72 6.20 11.71
CA ARG A 145 -5.59 5.07 12.63
C ARG A 145 -6.69 5.07 13.65
N THR A 146 -7.49 3.99 13.66
CA THR A 146 -8.61 3.83 14.59
C THR A 146 -8.28 2.96 15.81
N HIS A 147 -7.15 2.25 15.79
CA HIS A 147 -6.74 1.40 16.91
C HIS A 147 -5.61 2.10 17.66
N GLN A 148 -5.77 2.35 18.97
CA GLN A 148 -4.77 3.05 19.77
C GLN A 148 -3.39 2.41 19.76
N GLU A 149 -3.31 1.07 19.75
CA GLU A 149 -2.00 0.40 19.74
C GLU A 149 -1.22 0.58 18.44
N ASP A 150 -1.87 1.08 17.38
CA ASP A 150 -1.16 1.43 16.14
C ASP A 150 -0.60 2.87 16.17
N ILE A 151 -0.89 3.65 17.22
CA ILE A 151 -0.45 5.04 17.29
C ILE A 151 0.78 5.23 18.18
C10 8AK B . -6.48 9.92 -6.68
C13 8AK B . -9.15 12.48 -7.30
C01 8AK B . -6.75 5.05 -5.94
C02 8AK B . -5.72 6.17 -5.82
C03 8AK B . -4.76 6.04 -4.60
N04 8AK B . -6.40 7.51 -5.76
C05 8AK B . -7.68 7.78 -5.03
C06 8AK B . -7.83 7.54 -3.50
C07 8AK B . -7.65 8.96 -4.04
C08 8AK B . -5.82 8.56 -6.62
O09 8AK B . -4.83 8.32 -7.25
C11 8AK B . -7.78 10.22 -7.13
C12 8AK B . -7.93 11.58 -6.98
O14 8AK B . -6.75 12.04 -6.55
N15 8AK B . -5.83 11.04 -6.34
S DMS C . 3.54 8.84 -9.88
O DMS C . 5.02 8.84 -9.55
C1 DMS C . 3.47 9.68 -11.45
C2 DMS C . 3.06 7.18 -10.49
S DMS D . 6.68 -19.34 -8.73
O DMS D . 8.00 -18.67 -9.05
C1 DMS D . 7.02 -21.09 -8.64
C2 DMS D . 5.80 -19.33 -10.27
S DMS E . -1.76 20.55 4.59
O DMS E . -0.58 19.83 5.15
C1 DMS E . -1.23 21.30 3.08
C2 DMS E . -1.87 22.00 5.58
C1 EDO F . -12.58 -0.10 -2.96
O1 EDO F . -12.96 1.19 -3.49
C2 EDO F . -13.76 -0.99 -2.44
O2 EDO F . -13.35 -2.38 -2.39
#